data_8DYN
#
_entry.id   8DYN
#
_entity_poly.entity_id   1
_entity_poly.type   'polypeptide(L)'
_entity_poly.pdbx_seq_one_letter_code
;GHSVDRIPEYFGPPGLPGPVLFYS
;
_entity_poly.pdbx_strand_id   A
#
# COMPACT_ATOMS: atom_id res chain seq x y z
N GLY A 1 1.00 4.70 4.76
CA GLY A 1 -0.05 5.22 3.90
C GLY A 1 -0.10 6.75 3.92
N HIS A 2 0.37 7.36 2.79
CA HIS A 2 0.11 8.77 2.47
C HIS A 2 -1.15 8.86 1.58
N SER A 3 -1.14 8.02 0.47
CA SER A 3 -1.92 8.33 -0.74
C SER A 3 -1.70 7.16 -1.75
N VAL A 4 -2.04 7.44 -3.06
CA VAL A 4 -1.57 6.65 -4.20
C VAL A 4 -0.08 7.04 -4.49
N ASP A 5 0.74 6.81 -3.40
CA ASP A 5 2.21 6.94 -3.38
C ASP A 5 2.78 5.58 -3.90
N ARG A 6 3.98 5.11 -3.40
CA ARG A 6 4.68 4.01 -4.07
C ARG A 6 4.93 2.75 -3.21
N ILE A 7 5.38 2.94 -1.93
CA ILE A 7 5.76 1.83 -1.06
C ILE A 7 4.61 1.63 -0.05
N PRO A 8 4.15 0.37 0.24
CA PRO A 8 3.09 0.18 1.24
C PRO A 8 3.69 0.23 2.66
N GLU A 9 2.81 0.55 3.67
CA GLU A 9 3.22 0.57 5.08
C GLU A 9 3.24 -0.89 5.65
N TYR A 10 3.81 -1.83 4.82
CA TYR A 10 4.26 -3.14 5.30
C TYR A 10 3.09 -4.07 5.70
N PHE A 11 1.93 -3.85 4.96
CA PHE A 11 0.69 -4.55 5.33
C PHE A 11 0.76 -6.04 4.93
N GLY A 12 1.50 -6.28 3.80
CA GLY A 12 1.58 -7.59 3.18
C GLY A 12 2.07 -7.44 1.73
N PRO A 13 2.00 -8.57 0.95
CA PRO A 13 2.34 -8.53 -0.48
C PRO A 13 1.16 -7.93 -1.28
N PRO A 14 1.42 -7.55 -2.59
CA PRO A 14 0.35 -7.10 -3.46
C PRO A 14 -0.48 -8.31 -3.96
N GLY A 15 -1.73 -7.98 -4.44
CA GLY A 15 -2.67 -9.02 -4.81
C GLY A 15 -3.52 -9.52 -3.62
N LEU A 16 -3.76 -8.57 -2.64
CA LEU A 16 -4.74 -8.83 -1.60
C LEU A 16 -6.14 -8.43 -2.16
N PRO A 17 -7.25 -9.00 -1.57
CA PRO A 17 -8.60 -8.70 -2.09
C PRO A 17 -9.26 -7.45 -1.46
N GLY A 18 -8.60 -6.94 -0.36
CA GLY A 18 -9.04 -5.71 0.26
C GLY A 18 -8.31 -4.50 -0.34
N PRO A 19 -8.72 -3.26 0.09
CA PRO A 19 -8.05 -2.05 -0.37
C PRO A 19 -6.69 -1.87 0.33
N VAL A 20 -5.89 -0.90 -0.25
CA VAL A 20 -4.51 -0.69 0.16
C VAL A 20 -4.19 0.80 -0.11
N LEU A 21 -3.20 1.33 0.69
CA LEU A 21 -2.70 2.70 0.54
C LEU A 21 -1.16 2.58 0.62
N PHE A 22 -0.46 3.68 0.21
CA PHE A 22 1.00 3.62 0.06
C PHE A 22 1.60 4.92 0.62
N TYR A 23 2.88 4.81 1.13
CA TYR A 23 3.74 5.96 1.45
C TYR A 23 4.94 5.96 0.47
N SER A 24 5.91 6.90 0.67
CA SER A 24 7.01 7.09 -0.25
C SER A 24 8.15 6.19 0.05
N GLY A 1 0.57 3.59 5.23
CA GLY A 1 0.93 4.35 4.04
C GLY A 1 0.51 5.82 4.15
N HIS A 2 0.88 6.56 3.05
CA HIS A 2 0.46 7.94 2.84
C HIS A 2 -0.85 8.00 2.01
N SER A 3 -0.89 7.15 0.93
CA SER A 3 -1.88 7.29 -0.15
C SER A 3 -1.73 6.05 -1.07
N VAL A 4 -2.31 6.14 -2.32
CA VAL A 4 -1.80 5.35 -3.43
C VAL A 4 -0.52 6.12 -3.88
N ASP A 5 0.62 5.35 -3.91
CA ASP A 5 1.95 5.97 -3.94
C ASP A 5 2.93 4.92 -4.55
N ARG A 6 4.25 4.89 -4.14
CA ARG A 6 5.20 3.98 -4.76
C ARG A 6 5.36 2.63 -4.03
N ILE A 7 5.78 2.71 -2.73
CA ILE A 7 6.24 1.54 -1.98
C ILE A 7 5.08 1.14 -1.03
N PRO A 8 4.77 -0.18 -0.85
CA PRO A 8 3.68 -0.57 0.04
C PRO A 8 4.11 -0.40 1.52
N GLU A 9 3.09 -0.01 2.37
CA GLU A 9 3.32 0.02 3.82
C GLU A 9 2.90 -1.37 4.40
N TYR A 10 2.31 -1.39 5.64
CA TYR A 10 2.25 -2.62 6.46
C TYR A 10 1.20 -3.69 6.01
N PHE A 11 0.97 -3.73 4.66
CA PHE A 11 0.30 -4.84 4.00
C PHE A 11 1.34 -5.95 3.65
N GLY A 12 2.64 -5.53 3.50
CA GLY A 12 3.68 -6.43 3.04
C GLY A 12 3.85 -6.30 1.53
N PRO A 13 3.69 -7.41 0.74
CA PRO A 13 3.76 -7.31 -0.72
C PRO A 13 2.48 -6.65 -1.26
N PRO A 14 2.49 -6.23 -2.58
CA PRO A 14 1.34 -5.50 -3.15
C PRO A 14 0.17 -6.41 -3.59
N GLY A 15 -0.19 -7.36 -2.64
CA GLY A 15 -1.54 -7.92 -2.65
C GLY A 15 -2.43 -7.04 -1.78
N LEU A 16 -3.74 -7.44 -1.70
CA LEU A 16 -4.70 -6.64 -0.94
C LEU A 16 -5.92 -7.48 -0.50
N PRO A 17 -6.61 -7.04 0.61
CA PRO A 17 -7.87 -7.67 1.04
C PRO A 17 -9.11 -7.00 0.38
N GLY A 18 -8.86 -5.75 -0.13
CA GLY A 18 -9.89 -4.93 -0.73
C GLY A 18 -9.30 -3.52 -0.89
N PRO A 19 -9.26 -2.74 0.24
CA PRO A 19 -8.46 -1.52 0.26
C PRO A 19 -6.96 -1.86 0.39
N VAL A 20 -6.11 -0.80 0.15
CA VAL A 20 -4.66 -0.93 0.12
C VAL A 20 -4.10 0.49 0.36
N LEU A 21 -2.78 0.58 0.77
CA LEU A 21 -2.15 1.87 0.99
C LEU A 21 -0.62 1.71 0.86
N PHE A 22 0.02 2.84 0.40
CA PHE A 22 1.42 2.88 -0.02
C PHE A 22 2.05 4.16 0.55
N TYR A 23 3.42 4.19 0.59
CA TYR A 23 4.20 5.38 0.91
C TYR A 23 5.17 5.72 -0.24
N SER A 24 5.88 6.89 -0.06
CA SER A 24 6.56 7.53 -1.17
C SER A 24 7.90 6.96 -1.43
N GLY A 1 -0.14 4.32 5.21
CA GLY A 1 0.56 5.07 4.17
C GLY A 1 0.03 6.50 4.07
N HIS A 2 0.56 7.21 3.02
CA HIS A 2 0.21 8.61 2.77
C HIS A 2 -0.96 8.72 1.77
N SER A 3 -0.89 7.87 0.68
CA SER A 3 -1.72 8.06 -0.51
C SER A 3 -1.56 6.83 -1.42
N VAL A 4 -1.94 6.99 -2.74
CA VAL A 4 -1.50 6.06 -3.77
C VAL A 4 -0.07 6.52 -4.16
N ASP A 5 0.83 5.49 -4.30
CA ASP A 5 2.26 5.67 -4.66
C ASP A 5 2.71 4.22 -5.03
N ARG A 6 4.01 3.88 -4.79
CA ARG A 6 4.68 2.72 -5.37
C ARG A 6 5.03 1.68 -4.29
N ILE A 7 5.35 2.21 -3.05
CA ILE A 7 5.88 1.39 -1.96
C ILE A 7 4.81 1.32 -0.81
N PRO A 8 4.37 0.07 -0.42
CA PRO A 8 3.24 -0.07 0.50
C PRO A 8 3.67 0.17 1.97
N GLU A 9 2.67 0.67 2.78
CA GLU A 9 2.92 0.96 4.20
C GLU A 9 2.77 -0.26 5.13
N TYR A 10 3.35 -1.43 4.66
CA TYR A 10 3.69 -2.53 5.57
C TYR A 10 2.47 -3.20 6.24
N PHE A 11 1.33 -3.18 5.48
CA PHE A 11 0.10 -3.88 5.87
C PHE A 11 0.17 -5.38 5.51
N GLY A 12 1.08 -5.70 4.53
CA GLY A 12 1.07 -6.97 3.85
C GLY A 12 1.65 -6.79 2.44
N PRO A 13 1.57 -7.86 1.59
CA PRO A 13 2.03 -7.76 0.21
C PRO A 13 0.97 -7.08 -0.69
N PRO A 14 1.40 -6.60 -1.91
CA PRO A 14 0.44 -6.14 -2.89
C PRO A 14 -0.26 -7.36 -3.53
N GLY A 15 -1.55 -7.11 -3.96
CA GLY A 15 -2.38 -8.20 -4.45
C GLY A 15 -3.30 -8.82 -3.38
N LEU A 16 -3.14 -8.33 -2.11
CA LEU A 16 -4.14 -8.57 -1.05
C LEU A 16 -5.25 -7.53 -1.34
N PRO A 17 -6.52 -8.00 -1.63
CA PRO A 17 -7.59 -7.07 -2.02
C PRO A 17 -8.28 -6.44 -0.80
N GLY A 18 -9.03 -5.31 -1.12
CA GLY A 18 -9.61 -4.48 -0.08
C GLY A 18 -9.09 -3.05 -0.25
N PRO A 19 -9.20 -2.19 0.81
CA PRO A 19 -8.59 -0.87 0.77
C PRO A 19 -7.06 -1.00 0.90
N VAL A 20 -6.34 0.09 0.43
CA VAL A 20 -4.90 0.01 0.27
C VAL A 20 -4.33 1.44 0.36
N LEU A 21 -3.08 1.53 0.92
CA LEU A 21 -2.36 2.79 1.02
C LEU A 21 -0.85 2.51 0.86
N PHE A 22 -0.14 3.59 0.40
CA PHE A 22 1.28 3.53 0.05
C PHE A 22 1.92 4.77 0.67
N TYR A 23 3.24 4.67 1.05
CA TYR A 23 3.98 5.86 1.48
C TYR A 23 4.79 6.41 0.30
N SER A 24 5.35 7.65 0.51
CA SER A 24 5.84 8.46 -0.61
C SER A 24 6.91 9.37 -0.17
N GLY A 1 0.91 3.94 4.33
CA GLY A 1 0.56 5.17 5.02
C GLY A 1 -0.02 6.27 4.13
N HIS A 2 0.60 6.45 2.91
CA HIS A 2 0.06 7.37 1.90
C HIS A 2 -1.08 6.63 1.18
N SER A 3 -2.12 7.44 0.74
CA SER A 3 -3.31 6.79 0.14
C SER A 3 -2.98 6.27 -1.27
N VAL A 4 -2.06 7.00 -1.97
CA VAL A 4 -1.49 6.56 -3.24
C VAL A 4 0.01 6.90 -3.20
N ASP A 5 0.83 6.00 -3.82
CA ASP A 5 2.28 6.21 -4.01
C ASP A 5 2.77 5.00 -4.87
N ARG A 6 4.12 4.79 -4.91
CA ARG A 6 4.76 3.88 -5.86
C ARG A 6 5.03 2.46 -5.31
N ILE A 7 4.97 2.32 -3.95
CA ILE A 7 5.38 1.08 -3.26
C ILE A 7 4.45 0.93 -2.02
N PRO A 8 4.02 -0.34 -1.67
CA PRO A 8 3.11 -0.53 -0.53
C PRO A 8 3.81 -0.29 0.81
N GLU A 9 2.99 0.15 1.83
CA GLU A 9 3.48 0.27 3.20
C GLU A 9 3.28 -1.09 3.94
N TYR A 10 2.94 -1.06 5.27
CA TYR A 10 3.09 -2.22 6.16
C TYR A 10 2.06 -3.38 5.95
N PHE A 11 1.65 -3.55 4.65
CA PHE A 11 0.98 -4.76 4.18
C PHE A 11 2.04 -5.83 3.84
N GLY A 12 3.26 -5.35 3.40
CA GLY A 12 4.29 -6.24 2.89
C GLY A 12 4.17 -6.33 1.36
N PRO A 13 3.91 -7.55 0.80
CA PRO A 13 3.68 -7.66 -0.63
C PRO A 13 2.29 -7.10 -1.01
N PRO A 14 2.03 -6.91 -2.35
CA PRO A 14 0.75 -6.31 -2.78
C PRO A 14 -0.43 -7.31 -2.82
N GLY A 15 -0.58 -8.05 -1.66
CA GLY A 15 -1.84 -8.68 -1.36
C GLY A 15 -2.69 -7.68 -0.58
N LEU A 16 -4.05 -7.85 -0.70
CA LEU A 16 -4.98 -6.86 -0.17
C LEU A 16 -6.39 -7.46 0.02
N PRO A 17 -7.18 -6.91 1.00
CA PRO A 17 -8.56 -7.39 1.22
C PRO A 17 -9.60 -6.61 0.37
N GLY A 18 -9.13 -5.43 -0.16
CA GLY A 18 -9.96 -4.56 -0.96
C GLY A 18 -9.21 -3.24 -1.14
N PRO A 19 -9.16 -2.41 -0.05
CA PRO A 19 -8.26 -1.25 -0.03
C PRO A 19 -6.81 -1.69 0.30
N VAL A 20 -5.87 -0.74 0.02
CA VAL A 20 -4.44 -0.91 0.25
C VAL A 20 -3.86 0.51 0.41
N LEU A 21 -2.72 0.62 1.18
CA LEU A 21 -2.04 1.89 1.35
C LEU A 21 -0.55 1.71 0.94
N PHE A 22 0.08 2.91 0.63
CA PHE A 22 1.38 2.98 -0.03
C PHE A 22 2.30 3.89 0.80
N TYR A 23 3.57 4.09 0.36
CA TYR A 23 4.44 5.13 0.89
C TYR A 23 5.53 5.50 -0.14
N SER A 24 6.30 6.58 0.19
CA SER A 24 7.44 6.99 -0.64
C SER A 24 8.68 6.30 -0.22
N GLY A 1 0.43 4.75 5.08
CA GLY A 1 1.18 5.72 4.30
C GLY A 1 0.27 6.80 3.71
N HIS A 2 0.73 7.29 2.51
CA HIS A 2 0.00 8.22 1.66
C HIS A 2 -1.06 7.44 0.84
N SER A 3 -1.99 8.24 0.19
CA SER A 3 -3.16 7.59 -0.44
C SER A 3 -2.78 6.75 -1.67
N VAL A 4 -1.75 7.28 -2.42
CA VAL A 4 -1.11 6.55 -3.52
C VAL A 4 0.33 7.08 -3.58
N ASP A 5 1.30 6.15 -3.88
CA ASP A 5 2.71 6.52 -3.89
C ASP A 5 3.52 5.47 -4.68
N ARG A 6 4.05 4.40 -3.99
CA ARG A 6 4.80 3.34 -4.66
C ARG A 6 4.56 1.96 -3.99
N ILE A 7 5.20 1.75 -2.80
CA ILE A 7 5.10 0.45 -2.11
C ILE A 7 3.95 0.52 -1.08
N PRO A 8 3.13 -0.58 -0.94
CA PRO A 8 2.01 -0.56 0.01
C PRO A 8 2.49 -0.83 1.45
N GLU A 9 1.85 -0.09 2.44
CA GLU A 9 2.64 0.46 3.56
C GLU A 9 3.38 -0.62 4.37
N TYR A 10 2.57 -1.62 4.87
CA TYR A 10 3.08 -2.67 5.75
C TYR A 10 2.72 -4.04 5.16
N PHE A 11 2.55 -4.02 3.79
CA PHE A 11 2.23 -5.24 3.04
C PHE A 11 3.50 -5.78 2.37
N GLY A 12 4.33 -4.84 1.77
CA GLY A 12 5.47 -5.24 0.95
C GLY A 12 5.02 -5.41 -0.51
N PRO A 13 4.86 -6.67 -1.01
CA PRO A 13 4.22 -6.87 -2.31
C PRO A 13 2.69 -6.60 -2.21
N PRO A 14 1.98 -6.56 -3.39
CA PRO A 14 0.56 -6.20 -3.40
C PRO A 14 -0.40 -7.35 -3.00
N GLY A 15 -0.07 -7.98 -1.82
CA GLY A 15 -0.98 -8.89 -1.14
C GLY A 15 -1.98 -8.12 -0.27
N LEU A 16 -2.70 -7.15 -0.94
CA LEU A 16 -3.77 -6.42 -0.28
C LEU A 16 -5.09 -7.24 -0.28
N PRO A 17 -5.95 -7.06 0.79
CA PRO A 17 -7.21 -7.81 0.88
C PRO A 17 -8.40 -7.09 0.22
N GLY A 18 -8.19 -5.75 -0.02
CA GLY A 18 -9.21 -4.90 -0.62
C GLY A 18 -8.77 -3.44 -0.45
N PRO A 19 -8.87 -2.90 0.81
CA PRO A 19 -8.27 -1.60 1.10
C PRO A 19 -6.74 -1.73 1.22
N VAL A 20 -6.06 -0.54 0.99
CA VAL A 20 -4.60 -0.47 0.91
C VAL A 20 -4.23 1.03 1.03
N LEU A 21 -2.93 1.27 1.41
CA LEU A 21 -2.37 2.62 1.56
C LEU A 21 -0.86 2.45 1.28
N PHE A 22 -0.19 3.55 0.81
CA PHE A 22 1.10 3.42 0.12
C PHE A 22 2.11 4.46 0.62
N TYR A 23 3.44 4.13 0.52
CA TYR A 23 4.48 5.16 0.70
C TYR A 23 5.63 4.92 -0.30
N SER A 24 6.70 5.77 -0.16
CA SER A 24 7.59 6.03 -1.29
C SER A 24 8.54 4.94 -1.53
N GLY A 1 0.30 5.10 5.10
CA GLY A 1 1.09 5.93 4.21
C GLY A 1 0.25 7.12 3.71
N HIS A 2 0.63 7.60 2.48
CA HIS A 2 -0.08 8.67 1.79
C HIS A 2 -1.22 8.07 0.94
N SER A 3 -2.06 9.02 0.36
CA SER A 3 -3.32 8.59 -0.27
C SER A 3 -3.13 7.89 -1.63
N VAL A 4 -2.00 8.25 -2.32
CA VAL A 4 -1.69 7.74 -3.66
C VAL A 4 -0.16 7.82 -3.82
N ASP A 5 0.49 6.60 -3.81
CA ASP A 5 1.95 6.51 -3.69
C ASP A 5 2.39 5.08 -4.15
N ARG A 6 3.62 4.62 -3.73
CA ARG A 6 4.25 3.44 -4.32
C ARG A 6 4.49 2.24 -3.38
N ILE A 7 5.26 2.45 -2.26
CA ILE A 7 5.69 1.35 -1.39
C ILE A 7 4.60 1.18 -0.32
N PRO A 8 4.15 -0.08 0.02
CA PRO A 8 3.05 -0.24 0.96
C PRO A 8 3.49 0.06 2.40
N GLU A 9 2.48 0.46 3.26
CA GLU A 9 2.70 0.66 4.69
C GLU A 9 2.71 -0.71 5.44
N TYR A 10 3.45 -1.70 4.82
CA TYR A 10 3.83 -2.95 5.49
C TYR A 10 2.66 -3.91 5.77
N PHE A 11 1.55 -3.72 4.96
CA PHE A 11 0.33 -4.49 5.21
C PHE A 11 0.47 -5.95 4.72
N GLY A 12 1.27 -6.11 3.61
CA GLY A 12 1.42 -7.40 2.99
C GLY A 12 2.18 -7.29 1.65
N PRO A 13 2.10 -8.37 0.80
CA PRO A 13 2.75 -8.38 -0.50
C PRO A 13 1.97 -7.51 -1.51
N PRO A 14 2.57 -7.26 -2.74
CA PRO A 14 1.91 -6.41 -3.74
C PRO A 14 0.82 -7.15 -4.56
N GLY A 15 -0.13 -7.78 -3.80
CA GLY A 15 -1.31 -8.39 -4.35
C GLY A 15 -2.27 -8.76 -3.21
N LEU A 16 -3.50 -8.15 -3.27
CA LEU A 16 -4.50 -8.28 -2.22
C LEU A 16 -5.91 -8.03 -2.81
N PRO A 17 -6.99 -8.52 -2.10
CA PRO A 17 -8.37 -8.32 -2.59
C PRO A 17 -9.08 -7.08 -1.99
N GLY A 18 -8.51 -6.60 -0.83
CA GLY A 18 -9.07 -5.48 -0.10
C GLY A 18 -8.31 -4.17 -0.40
N PRO A 19 -8.59 -3.10 0.41
CA PRO A 19 -7.83 -1.86 0.28
C PRO A 19 -6.43 -2.01 0.92
N VAL A 20 -5.57 -0.97 0.60
CA VAL A 20 -4.19 -0.92 1.07
C VAL A 20 -3.78 0.57 1.01
N LEU A 21 -2.65 0.91 1.71
CA LEU A 21 -2.14 2.28 1.75
C LEU A 21 -0.60 2.21 1.67
N PHE A 22 0.03 3.36 1.26
CA PHE A 22 1.36 3.33 0.66
C PHE A 22 2.07 4.69 0.79
N TYR A 23 3.44 4.64 0.81
CA TYR A 23 4.31 5.82 0.87
C TYR A 23 5.43 5.70 -0.18
N SER A 24 6.14 6.86 -0.40
CA SER A 24 7.20 6.87 -1.42
C SER A 24 8.41 6.17 -0.91
N GLY A 1 -0.48 4.74 4.46
CA GLY A 1 0.47 5.62 3.83
C GLY A 1 -0.13 6.98 3.46
N HIS A 2 0.43 7.54 2.35
CA HIS A 2 -0.08 8.76 1.71
C HIS A 2 -1.30 8.36 0.84
N SER A 3 -2.01 9.41 0.31
CA SER A 3 -3.26 9.12 -0.42
C SER A 3 -2.99 8.38 -1.74
N VAL A 4 -1.86 8.79 -2.41
CA VAL A 4 -1.27 8.04 -3.50
C VAL A 4 0.27 8.14 -3.32
N ASP A 5 0.98 7.04 -3.75
CA ASP A 5 2.45 6.97 -3.76
C ASP A 5 2.77 5.58 -4.41
N ARG A 6 3.94 4.96 -4.04
CA ARG A 6 4.44 3.78 -4.74
C ARG A 6 4.92 2.59 -3.87
N ILE A 7 5.42 2.90 -2.63
CA ILE A 7 5.84 1.82 -1.71
C ILE A 7 4.59 1.53 -0.83
N PRO A 8 4.21 0.24 -0.59
CA PRO A 8 3.00 -0.05 0.18
C PRO A 8 3.22 0.15 1.70
N GLU A 9 2.07 0.32 2.43
CA GLU A 9 2.10 0.44 3.90
C GLU A 9 2.22 -0.95 4.60
N TYR A 10 3.21 -1.77 4.08
CA TYR A 10 3.76 -2.91 4.85
C TYR A 10 2.76 -4.07 5.09
N PHE A 11 1.88 -4.28 4.03
CA PHE A 11 0.82 -5.29 4.17
C PHE A 11 1.37 -6.73 4.04
N GLY A 12 2.57 -6.81 3.37
CA GLY A 12 3.03 -8.05 2.78
C GLY A 12 2.92 -7.92 1.26
N PRO A 13 2.55 -9.04 0.55
CA PRO A 13 2.47 -9.00 -0.91
C PRO A 13 1.17 -8.30 -1.40
N PRO A 14 1.13 -7.96 -2.73
CA PRO A 14 -0.12 -7.45 -3.32
C PRO A 14 -1.10 -8.62 -3.56
N GLY A 15 -2.42 -8.22 -3.71
CA GLY A 15 -3.47 -9.23 -3.72
C GLY A 15 -4.03 -9.47 -2.31
N LEU A 16 -4.18 -8.31 -1.56
CA LEU A 16 -4.84 -8.37 -0.25
C LEU A 16 -6.35 -8.32 -0.56
N PRO A 17 -7.21 -9.11 0.17
CA PRO A 17 -8.66 -9.09 -0.08
C PRO A 17 -9.28 -7.90 0.67
N GLY A 18 -8.99 -6.67 0.12
CA GLY A 18 -9.29 -5.44 0.84
C GLY A 18 -8.76 -4.23 0.06
N PRO A 19 -8.76 -3.03 0.75
CA PRO A 19 -8.19 -1.83 0.15
C PRO A 19 -6.65 -1.87 0.17
N VAL A 20 -6.03 -0.82 -0.47
CA VAL A 20 -4.58 -0.70 -0.55
C VAL A 20 -4.27 0.81 -0.44
N LEU A 21 -3.03 1.11 0.06
CA LEU A 21 -2.58 2.49 0.33
C LEU A 21 -1.04 2.44 0.37
N PHE A 22 -0.39 3.61 0.03
CA PHE A 22 1.02 3.61 -0.34
C PHE A 22 1.70 4.84 0.27
N TYR A 23 3.04 4.72 0.55
CA TYR A 23 3.86 5.85 0.99
C TYR A 23 5.18 5.87 0.16
N SER A 24 6.09 6.84 0.51
CA SER A 24 7.41 6.91 -0.12
C SER A 24 8.39 6.15 0.66
N GLY A 1 0.88 3.99 5.15
CA GLY A 1 1.03 4.73 3.91
C GLY A 1 0.61 6.19 3.96
N HIS A 2 0.95 6.87 2.81
CA HIS A 2 0.41 8.17 2.43
C HIS A 2 -0.90 7.91 1.65
N SER A 3 -1.68 9.03 1.39
CA SER A 3 -3.01 8.84 0.80
C SER A 3 -2.93 8.35 -0.66
N VAL A 4 -1.88 8.87 -1.38
CA VAL A 4 -1.48 8.34 -2.68
C VAL A 4 0.07 8.30 -2.67
N ASP A 5 0.63 7.32 -3.46
CA ASP A 5 2.09 7.18 -3.63
C ASP A 5 2.27 6.05 -4.69
N ARG A 6 3.44 5.32 -4.66
CA ARG A 6 3.76 4.40 -5.76
C ARG A 6 4.52 3.09 -5.39
N ILE A 7 4.38 2.64 -4.10
CA ILE A 7 4.85 1.32 -3.62
C ILE A 7 4.20 1.11 -2.21
N PRO A 8 3.90 -0.16 -1.77
CA PRO A 8 3.14 -0.32 -0.52
C PRO A 8 3.90 -0.01 0.78
N GLU A 9 3.07 0.43 1.80
CA GLU A 9 3.53 0.52 3.19
C GLU A 9 3.23 -0.83 3.90
N TYR A 10 3.09 -0.81 5.26
CA TYR A 10 3.21 -2.02 6.10
C TYR A 10 1.96 -2.93 6.10
N PHE A 11 1.30 -3.00 4.89
CA PHE A 11 0.33 -4.05 4.56
C PHE A 11 1.07 -5.32 4.07
N GLY A 12 2.30 -5.11 3.46
CA GLY A 12 2.97 -6.18 2.75
C GLY A 12 2.71 -6.05 1.25
N PRO A 13 2.80 -7.20 0.49
CA PRO A 13 2.62 -7.15 -0.96
C PRO A 13 1.13 -6.97 -1.33
N PRO A 14 0.82 -6.51 -2.59
CA PRO A 14 -0.55 -6.13 -2.96
C PRO A 14 -1.44 -7.33 -3.36
N GLY A 15 -1.34 -8.43 -2.54
CA GLY A 15 -2.22 -9.58 -2.65
C GLY A 15 -3.37 -9.52 -1.65
N LEU A 16 -3.88 -8.26 -1.41
CA LEU A 16 -5.03 -8.08 -0.53
C LEU A 16 -6.30 -8.24 -1.37
N PRO A 17 -7.35 -8.98 -0.84
CA PRO A 17 -8.65 -9.07 -1.51
C PRO A 17 -9.52 -7.87 -1.08
N GLY A 18 -8.97 -6.64 -1.35
CA GLY A 18 -9.55 -5.42 -0.82
C GLY A 18 -8.55 -4.27 -0.94
N PRO A 19 -8.68 -3.24 -0.03
CA PRO A 19 -7.84 -2.06 -0.14
C PRO A 19 -6.41 -2.30 0.39
N VAL A 20 -5.52 -1.31 0.01
CA VAL A 20 -4.10 -1.30 0.35
C VAL A 20 -3.69 0.18 0.34
N LEU A 21 -2.56 0.51 1.05
CA LEU A 21 -2.09 1.90 1.14
C LEU A 21 -0.56 1.90 0.89
N PHE A 22 -0.09 3.06 0.30
CA PHE A 22 1.23 3.14 -0.32
C PHE A 22 2.07 4.25 0.35
N TYR A 23 3.44 4.14 0.26
CA TYR A 23 4.35 5.25 0.62
C TYR A 23 5.58 5.23 -0.30
N SER A 24 6.31 6.40 -0.37
CA SER A 24 7.26 6.53 -1.46
C SER A 24 8.53 5.79 -1.26
N GLY A 1 0.52 4.73 5.52
CA GLY A 1 1.34 5.72 4.85
C GLY A 1 0.46 6.81 4.24
N HIS A 2 0.90 7.31 3.04
CA HIS A 2 0.13 8.28 2.27
C HIS A 2 -0.89 7.54 1.38
N SER A 3 -1.87 8.37 0.84
CA SER A 3 -3.02 7.76 0.16
C SER A 3 -2.68 7.28 -1.27
N VAL A 4 -1.60 7.87 -1.87
CA VAL A 4 -1.17 7.52 -3.23
C VAL A 4 0.38 7.48 -3.21
N ASP A 5 0.91 6.37 -3.82
CA ASP A 5 2.29 6.20 -4.31
C ASP A 5 2.23 4.76 -4.93
N ARG A 6 3.40 4.04 -5.00
CA ARG A 6 3.51 2.77 -5.71
C ARG A 6 4.41 1.76 -4.96
N ILE A 7 4.24 1.76 -3.59
CA ILE A 7 4.69 0.66 -2.72
C ILE A 7 3.83 0.71 -1.44
N PRO A 8 3.19 -0.43 -1.02
CA PRO A 8 2.21 -0.39 0.06
C PRO A 8 2.90 -0.26 1.44
N GLU A 9 2.08 0.16 2.47
CA GLU A 9 2.70 0.57 3.73
C GLU A 9 3.36 -0.60 4.49
N TYR A 10 2.61 -1.77 4.50
CA TYR A 10 2.96 -2.88 5.40
C TYR A 10 3.14 -4.22 4.68
N PHE A 11 2.56 -4.32 3.43
CA PHE A 11 2.23 -5.63 2.87
C PHE A 11 3.42 -6.26 2.12
N GLY A 12 4.33 -5.38 1.59
CA GLY A 12 5.40 -5.80 0.71
C GLY A 12 4.91 -5.84 -0.74
N PRO A 13 4.68 -7.06 -1.33
CA PRO A 13 3.99 -7.16 -2.61
C PRO A 13 2.47 -6.85 -2.45
N PRO A 14 1.71 -6.77 -3.60
CA PRO A 14 0.29 -6.39 -3.54
C PRO A 14 -0.65 -7.57 -3.12
N GLY A 15 -0.26 -8.21 -1.96
CA GLY A 15 -1.19 -9.05 -1.22
C GLY A 15 -2.02 -8.16 -0.28
N LEU A 16 -2.79 -7.23 -0.93
CA LEU A 16 -3.66 -6.32 -0.22
C LEU A 16 -5.02 -6.98 0.11
N PRO A 17 -5.70 -6.52 1.23
CA PRO A 17 -6.99 -7.10 1.64
C PRO A 17 -8.20 -6.30 1.10
N GLY A 18 -8.02 -5.70 -0.11
CA GLY A 18 -8.93 -4.73 -0.67
C GLY A 18 -8.27 -3.35 -0.67
N PRO A 19 -8.45 -2.54 0.42
CA PRO A 19 -7.85 -1.20 0.47
C PRO A 19 -6.35 -1.26 0.81
N VAL A 20 -5.69 -0.07 0.56
CA VAL A 20 -4.24 0.04 0.64
C VAL A 20 -3.86 1.52 0.79
N LEU A 21 -2.89 1.76 1.74
CA LEU A 21 -2.17 3.04 1.83
C LEU A 21 -0.69 2.70 1.48
N PHE A 22 0.07 3.75 1.08
CA PHE A 22 1.37 3.57 0.41
C PHE A 22 2.42 4.41 1.15
N TYR A 23 3.66 3.82 1.36
CA TYR A 23 4.75 4.66 1.87
C TYR A 23 5.52 5.25 0.66
N SER A 24 6.26 6.37 0.95
CA SER A 24 6.81 7.17 -0.15
C SER A 24 8.11 7.75 0.26
N GLY A 1 0.57 5.32 4.14
CA GLY A 1 0.30 6.69 4.56
C GLY A 1 -0.15 7.66 3.46
N HIS A 2 0.52 7.57 2.27
CA HIS A 2 0.13 8.36 1.10
C HIS A 2 -1.07 7.66 0.44
N SER A 3 -1.95 8.52 -0.22
CA SER A 3 -3.20 7.95 -0.78
C SER A 3 -2.88 7.10 -2.02
N VAL A 4 -1.84 7.55 -2.80
CA VAL A 4 -1.29 6.79 -3.91
C VAL A 4 0.25 6.98 -3.84
N ASP A 5 0.99 5.90 -4.24
CA ASP A 5 2.45 5.93 -4.40
C ASP A 5 2.83 4.53 -4.96
N ARG A 6 4.17 4.23 -4.95
CA ARG A 6 4.75 3.09 -5.69
C ARG A 6 4.79 1.75 -4.91
N ILE A 7 4.54 1.83 -3.56
CA ILE A 7 4.69 0.67 -2.67
C ILE A 7 3.73 0.88 -1.47
N PRO A 8 3.05 -0.22 -0.97
CA PRO A 8 2.05 -0.08 0.10
C PRO A 8 2.72 0.07 1.48
N GLU A 9 2.07 0.91 2.36
CA GLU A 9 2.62 1.22 3.70
C GLU A 9 2.32 0.15 4.77
N TYR A 10 2.46 -1.16 4.35
CA TYR A 10 2.56 -2.22 5.36
C TYR A 10 3.03 -3.53 4.67
N PHE A 11 2.38 -3.80 3.46
CA PHE A 11 2.27 -5.21 3.04
C PHE A 11 3.55 -5.75 2.39
N GLY A 12 4.32 -4.80 1.75
CA GLY A 12 5.44 -5.18 0.89
C GLY A 12 4.93 -5.33 -0.55
N PRO A 13 4.84 -6.60 -1.08
CA PRO A 13 4.16 -6.82 -2.35
C PRO A 13 2.62 -6.68 -2.18
N PRO A 14 1.85 -6.66 -3.33
CA PRO A 14 0.40 -6.43 -3.26
C PRO A 14 -0.43 -7.68 -2.87
N GLY A 15 0.04 -8.38 -1.79
CA GLY A 15 -0.81 -9.31 -1.07
C GLY A 15 -1.56 -8.51 -0.01
N LEU A 16 -2.84 -8.16 -0.36
CA LEU A 16 -3.61 -7.17 0.41
C LEU A 16 -5.07 -7.64 0.51
N PRO A 17 -5.84 -7.14 1.56
CA PRO A 17 -7.18 -7.66 1.82
C PRO A 17 -8.30 -6.95 1.02
N GLY A 18 -7.95 -5.72 0.51
CA GLY A 18 -8.88 -4.90 -0.23
C GLY A 18 -8.45 -3.45 -0.13
N PRO A 19 -8.68 -2.80 1.06
CA PRO A 19 -8.19 -1.44 1.28
C PRO A 19 -6.66 -1.45 1.51
N VAL A 20 -6.05 -0.25 1.19
CA VAL A 20 -4.60 -0.10 1.16
C VAL A 20 -4.28 1.41 1.13
N LEU A 21 -3.11 1.75 1.74
CA LEU A 21 -2.47 3.07 1.58
C LEU A 21 -1.00 2.78 1.22
N PHE A 22 -0.30 3.85 0.72
CA PHE A 22 0.99 3.70 0.04
C PHE A 22 2.03 4.61 0.72
N TYR A 23 3.32 4.56 0.24
CA TYR A 23 4.34 5.52 0.71
C TYR A 23 5.48 5.63 -0.30
N SER A 24 6.32 6.71 -0.09
CA SER A 24 7.56 6.88 -0.86
C SER A 24 8.69 6.21 -0.17
N GLY A 1 -0.03 5.70 4.21
CA GLY A 1 0.96 6.49 3.50
C GLY A 1 0.33 7.77 2.94
N HIS A 2 0.88 8.19 1.74
CA HIS A 2 0.48 9.43 1.09
C HIS A 2 -0.84 9.26 0.31
N SER A 3 -0.91 8.12 -0.45
CA SER A 3 -2.15 7.66 -1.12
C SER A 3 -1.72 6.48 -2.01
N VAL A 4 -1.56 6.73 -3.36
CA VAL A 4 -0.76 5.87 -4.24
C VAL A 4 0.53 6.69 -4.43
N ASP A 5 1.71 5.98 -4.42
CA ASP A 5 2.99 6.68 -4.53
C ASP A 5 4.07 5.69 -5.04
N ARG A 6 4.67 4.84 -4.14
CA ARG A 6 5.65 3.83 -4.61
C ARG A 6 5.51 2.51 -3.83
N ILE A 7 5.67 2.59 -2.46
CA ILE A 7 5.88 1.41 -1.60
C ILE A 7 4.72 1.40 -0.57
N PRO A 8 4.18 0.19 -0.19
CA PRO A 8 3.01 0.14 0.69
C PRO A 8 3.38 0.43 2.16
N GLU A 9 2.33 0.87 2.94
CA GLU A 9 2.61 1.44 4.28
C GLU A 9 2.93 0.37 5.33
N TYR A 10 2.25 -0.82 5.16
CA TYR A 10 2.45 -1.96 6.08
C TYR A 10 1.65 -3.16 5.54
N PHE A 11 0.58 -2.81 4.73
CA PHE A 11 -0.54 -3.75 4.51
C PHE A 11 -0.14 -5.01 3.73
N GLY A 12 0.93 -4.83 2.87
CA GLY A 12 1.29 -5.82 1.88
C GLY A 12 1.03 -5.27 0.47
N PRO A 13 1.20 -6.15 -0.58
CA PRO A 13 1.01 -5.73 -1.96
C PRO A 13 -0.48 -5.83 -2.38
N PRO A 14 -0.85 -5.16 -3.53
CA PRO A 14 -2.16 -5.40 -4.13
C PRO A 14 -2.14 -6.80 -4.76
N GLY A 15 -3.31 -7.52 -4.59
CA GLY A 15 -3.37 -8.94 -4.89
C GLY A 15 -3.48 -9.78 -3.61
N LEU A 16 -3.04 -9.17 -2.46
CA LEU A 16 -3.55 -9.62 -1.15
C LEU A 16 -5.01 -9.09 -1.13
N PRO A 17 -6.01 -9.95 -0.74
CA PRO A 17 -7.42 -9.59 -0.85
C PRO A 17 -7.84 -8.68 0.33
N GLY A 18 -7.40 -7.39 0.22
CA GLY A 18 -7.56 -6.43 1.29
C GLY A 18 -7.23 -5.01 0.81
N PRO A 19 -7.35 -4.01 1.75
CA PRO A 19 -6.98 -2.63 1.42
C PRO A 19 -5.44 -2.47 1.40
N VAL A 20 -5.02 -1.34 0.74
CA VAL A 20 -3.60 -1.02 0.63
C VAL A 20 -3.50 0.51 0.40
N LEU A 21 -2.36 1.09 0.89
CA LEU A 21 -2.08 2.52 0.78
C LEU A 21 -0.54 2.65 0.82
N PHE A 22 -0.02 3.70 0.12
CA PHE A 22 1.39 3.74 -0.28
C PHE A 22 2.02 5.09 0.07
N TYR A 23 3.38 5.05 0.27
CA TYR A 23 4.24 6.24 0.41
C TYR A 23 5.43 6.10 -0.57
N SER A 24 6.38 7.09 -0.48
CA SER A 24 7.42 7.21 -1.51
C SER A 24 8.44 6.14 -1.40
N GLY A 1 0.88 5.27 4.38
CA GLY A 1 0.46 6.58 4.87
C GLY A 1 -0.10 7.55 3.83
N HIS A 2 0.50 7.52 2.60
CA HIS A 2 0.00 8.33 1.48
C HIS A 2 -1.14 7.55 0.83
N SER A 3 -2.06 8.33 0.14
CA SER A 3 -3.22 7.67 -0.49
C SER A 3 -2.78 6.88 -1.74
N VAL A 4 -1.77 7.47 -2.46
CA VAL A 4 -1.08 6.81 -3.56
C VAL A 4 0.40 7.22 -3.46
N ASP A 5 1.30 6.33 -4.02
CA ASP A 5 2.68 6.70 -4.34
C ASP A 5 3.29 5.56 -5.20
N ARG A 6 4.12 4.64 -4.59
CA ARG A 6 4.69 3.52 -5.35
C ARG A 6 4.66 2.19 -4.56
N ILE A 7 5.18 2.20 -3.29
CA ILE A 7 5.28 0.96 -2.48
C ILE A 7 4.27 1.08 -1.31
N PRO A 8 3.61 -0.06 -0.87
CA PRO A 8 2.61 0.02 0.19
C PRO A 8 3.27 0.15 1.59
N GLU A 9 2.59 0.94 2.49
CA GLU A 9 3.27 1.50 3.67
C GLU A 9 3.44 0.58 4.90
N TYR A 10 3.48 -0.77 4.61
CA TYR A 10 3.83 -1.78 5.63
C TYR A 10 3.68 -3.17 4.95
N PHE A 11 2.69 -3.19 3.98
CA PHE A 11 1.88 -4.39 3.79
C PHE A 11 2.61 -5.48 2.97
N GLY A 12 3.61 -5.01 2.15
CA GLY A 12 4.44 -5.92 1.39
C GLY A 12 3.87 -6.20 0.00
N PRO A 13 3.61 -7.50 -0.35
CA PRO A 13 3.10 -7.83 -1.68
C PRO A 13 1.59 -7.55 -1.80
N PRO A 14 1.05 -7.56 -3.07
CA PRO A 14 -0.38 -7.30 -3.31
C PRO A 14 -1.24 -8.56 -3.05
N GLY A 15 -1.10 -9.09 -1.79
CA GLY A 15 -1.87 -10.24 -1.32
C GLY A 15 -3.06 -9.86 -0.41
N LEU A 16 -3.32 -8.51 -0.33
CA LEU A 16 -4.49 -7.97 0.34
C LEU A 16 -5.53 -7.67 -0.76
N PRO A 17 -6.65 -8.47 -0.87
CA PRO A 17 -7.63 -8.29 -1.95
C PRO A 17 -8.58 -7.13 -1.58
N GLY A 18 -8.02 -5.88 -1.67
CA GLY A 18 -8.70 -4.71 -1.16
C GLY A 18 -7.88 -3.45 -1.38
N PRO A 19 -8.35 -2.30 -0.77
CA PRO A 19 -7.57 -1.07 -0.84
C PRO A 19 -6.36 -1.15 0.11
N VAL A 20 -5.36 -0.25 -0.18
CA VAL A 20 -4.08 -0.26 0.54
C VAL A 20 -3.53 1.17 0.49
N LEU A 21 -2.78 1.56 1.58
CA LEU A 21 -2.13 2.86 1.61
C LEU A 21 -0.64 2.68 1.24
N PHE A 22 -0.05 3.80 0.73
CA PHE A 22 1.27 3.80 0.09
C PHE A 22 2.23 4.72 0.85
N TYR A 23 3.55 4.66 0.47
CA TYR A 23 4.51 5.73 0.75
C TYR A 23 5.64 5.65 -0.28
N SER A 24 6.54 6.70 -0.24
CA SER A 24 7.68 6.78 -1.15
C SER A 24 8.91 6.29 -0.50
N GLY A 1 -0.87 5.47 4.85
CA GLY A 1 0.20 6.43 4.57
C GLY A 1 -0.28 7.53 3.62
N HIS A 2 0.46 7.65 2.47
CA HIS A 2 0.14 8.60 1.42
C HIS A 2 -1.03 8.05 0.58
N SER A 3 -1.82 9.00 -0.02
CA SER A 3 -3.07 8.57 -0.66
C SER A 3 -2.79 7.77 -1.95
N VAL A 4 -1.72 8.23 -2.69
CA VAL A 4 -1.22 7.54 -3.87
C VAL A 4 0.32 7.67 -3.74
N ASP A 5 1.03 6.55 -4.07
CA ASP A 5 2.50 6.51 -4.09
C ASP A 5 2.87 5.16 -4.77
N ARG A 6 4.18 4.77 -4.65
CA ARG A 6 4.78 3.73 -5.49
C ARG A 6 4.51 2.30 -4.98
N ILE A 7 4.26 2.17 -3.65
CA ILE A 7 4.27 0.86 -2.97
C ILE A 7 3.29 0.96 -1.76
N PRO A 8 2.54 -0.15 -1.41
CA PRO A 8 1.45 -0.06 -0.42
C PRO A 8 1.96 0.11 1.02
N GLU A 9 1.02 0.55 1.95
CA GLU A 9 1.42 1.35 3.13
C GLU A 9 2.25 0.71 4.26
N TYR A 10 2.84 -0.50 3.98
CA TYR A 10 3.88 -1.02 4.86
C TYR A 10 4.61 -2.15 4.10
N PHE A 11 3.74 -3.06 3.51
CA PHE A 11 4.12 -4.49 3.48
C PHE A 11 5.24 -4.79 2.47
N GLY A 12 5.22 -4.02 1.33
CA GLY A 12 6.04 -4.32 0.18
C GLY A 12 5.13 -4.70 -0.99
N PRO A 13 4.87 -6.03 -1.21
CA PRO A 13 4.01 -6.45 -2.31
C PRO A 13 2.50 -6.27 -1.99
N PRO A 14 1.63 -6.42 -3.06
CA PRO A 14 0.19 -6.55 -2.82
C PRO A 14 -0.12 -7.98 -2.33
N GLY A 15 -1.44 -8.19 -1.97
CA GLY A 15 -1.86 -9.51 -1.50
C GLY A 15 -3.08 -9.48 -0.58
N LEU A 16 -3.39 -8.25 -0.05
CA LEU A 16 -4.66 -8.07 0.65
C LEU A 16 -5.76 -7.98 -0.44
N PRO A 17 -7.02 -8.45 -0.11
CA PRO A 17 -8.10 -8.45 -1.11
C PRO A 17 -8.89 -7.12 -1.13
N GLY A 18 -8.79 -6.37 0.03
CA GLY A 18 -9.34 -5.04 0.10
C GLY A 18 -8.24 -4.01 -0.23
N PRO A 19 -8.66 -2.72 -0.44
CA PRO A 19 -7.71 -1.67 -0.77
C PRO A 19 -6.92 -1.21 0.49
N VAL A 20 -5.81 -0.44 0.18
CA VAL A 20 -4.89 0.07 1.19
C VAL A 20 -4.27 1.33 0.56
N LEU A 21 -3.72 2.24 1.45
CA LEU A 21 -3.01 3.43 1.00
C LEU A 21 -1.52 3.04 0.75
N PHE A 22 -0.68 4.07 0.38
CA PHE A 22 0.64 3.84 -0.19
C PHE A 22 1.70 4.61 0.62
N TYR A 23 3.01 4.28 0.38
CA TYR A 23 4.10 5.00 1.07
C TYR A 23 5.40 4.90 0.24
N SER A 24 6.56 5.32 0.87
CA SER A 24 7.89 5.07 0.31
C SER A 24 8.92 5.37 1.32
N GLY A 1 1.21 5.23 5.02
CA GLY A 1 -0.21 5.59 4.97
C GLY A 1 -0.55 6.87 4.18
N HIS A 2 0.25 7.14 3.11
CA HIS A 2 -0.14 8.09 2.06
C HIS A 2 -1.07 7.38 1.04
N SER A 3 -1.79 8.25 0.24
CA SER A 3 -2.94 7.73 -0.52
C SER A 3 -2.56 6.85 -1.72
N VAL A 4 -1.41 7.22 -2.37
CA VAL A 4 -0.93 6.53 -3.57
C VAL A 4 0.60 6.72 -3.65
N ASP A 5 1.28 5.64 -4.16
CA ASP A 5 2.71 5.64 -4.53
C ASP A 5 2.91 4.24 -5.19
N ARG A 6 4.07 3.56 -4.93
CA ARG A 6 4.46 2.33 -5.60
C ARG A 6 5.03 1.28 -4.59
N ILE A 7 4.81 1.60 -3.27
CA ILE A 7 5.34 0.81 -2.16
C ILE A 7 4.32 0.94 -1.00
N PRO A 8 3.88 -0.20 -0.37
CA PRO A 8 2.79 -0.18 0.60
C PRO A 8 3.28 0.25 2.00
N GLU A 9 2.28 0.55 2.91
CA GLU A 9 2.53 0.77 4.34
C GLU A 9 2.79 -0.60 5.06
N TYR A 10 3.63 -1.47 4.40
CA TYR A 10 4.19 -2.70 4.98
C TYR A 10 3.20 -3.85 5.29
N PHE A 11 1.91 -3.52 5.60
CA PHE A 11 1.01 -4.52 6.20
C PHE A 11 0.51 -5.58 5.20
N GLY A 12 0.66 -5.26 3.87
CA GLY A 12 0.32 -6.18 2.82
C GLY A 12 0.94 -5.74 1.49
N PRO A 13 0.94 -6.65 0.47
CA PRO A 13 1.50 -6.33 -0.84
C PRO A 13 0.54 -5.43 -1.65
N PRO A 14 1.04 -4.77 -2.76
CA PRO A 14 0.22 -3.85 -3.56
C PRO A 14 -0.64 -4.62 -4.60
N GLY A 15 -1.48 -5.54 -4.03
CA GLY A 15 -2.35 -6.40 -4.81
C GLY A 15 -3.01 -7.39 -3.84
N LEU A 16 -4.30 -7.08 -3.50
CA LEU A 16 -4.92 -7.62 -2.29
C LEU A 16 -6.45 -7.49 -2.50
N PRO A 17 -7.28 -8.41 -1.89
CA PRO A 17 -8.75 -8.31 -2.06
C PRO A 17 -9.40 -7.36 -1.04
N GLY A 18 -8.66 -7.12 0.10
CA GLY A 18 -8.97 -6.01 0.98
C GLY A 18 -8.14 -4.81 0.54
N PRO A 19 -8.40 -3.61 1.17
CA PRO A 19 -7.69 -2.41 0.76
C PRO A 19 -6.23 -2.40 1.25
N VAL A 20 -5.41 -1.61 0.49
CA VAL A 20 -3.99 -1.39 0.78
C VAL A 20 -3.78 0.14 0.73
N LEU A 21 -2.67 0.61 1.39
CA LEU A 21 -2.33 2.03 1.45
C LEU A 21 -0.79 2.09 1.35
N PHE A 22 -0.27 3.30 0.91
CA PHE A 22 1.08 3.42 0.35
C PHE A 22 1.93 4.41 1.15
N TYR A 23 3.25 4.53 0.82
CA TYR A 23 4.05 5.68 1.28
C TYR A 23 4.98 6.14 0.15
N SER A 24 5.48 7.42 0.29
CA SER A 24 6.17 8.07 -0.83
C SER A 24 7.41 8.72 -0.35
N GLY A 1 -0.33 4.89 5.24
CA GLY A 1 0.52 5.98 4.83
C GLY A 1 -0.27 7.06 4.07
N HIS A 2 0.36 7.49 2.92
CA HIS A 2 -0.20 8.49 2.02
C HIS A 2 -1.19 7.83 1.04
N SER A 3 -2.06 8.73 0.42
CA SER A 3 -3.15 8.21 -0.42
C SER A 3 -2.61 7.61 -1.74
N VAL A 4 -1.49 8.23 -2.25
CA VAL A 4 -0.79 7.73 -3.42
C VAL A 4 0.73 7.86 -3.12
N ASP A 5 1.51 6.95 -3.79
CA ASP A 5 2.99 6.96 -3.86
C ASP A 5 3.29 5.70 -4.75
N ARG A 6 4.46 5.03 -4.51
CA ARG A 6 4.92 3.90 -5.32
C ARG A 6 5.69 2.85 -4.48
N ILE A 7 5.23 2.70 -3.20
CA ILE A 7 5.50 1.52 -2.36
C ILE A 7 4.36 1.50 -1.30
N PRO A 8 3.87 0.29 -0.88
CA PRO A 8 2.76 0.23 0.08
C PRO A 8 3.20 0.50 1.52
N GLU A 9 2.18 0.74 2.42
CA GLU A 9 2.38 0.79 3.88
C GLU A 9 2.54 -0.65 4.48
N TYR A 10 3.23 -1.55 3.68
CA TYR A 10 3.69 -2.86 4.17
C TYR A 10 2.55 -3.85 4.55
N PHE A 11 1.35 -3.65 3.90
CA PHE A 11 0.19 -4.45 4.32
C PHE A 11 0.30 -5.91 3.82
N GLY A 12 0.89 -6.03 2.58
CA GLY A 12 1.05 -7.32 1.95
C GLY A 12 1.29 -7.18 0.44
N PRO A 13 1.29 -8.35 -0.28
CA PRO A 13 1.49 -8.37 -1.73
C PRO A 13 0.17 -8.08 -2.49
N PRO A 14 0.27 -7.83 -3.84
CA PRO A 14 -0.94 -7.76 -4.65
C PRO A 14 -1.57 -9.17 -4.69
N GLY A 15 -2.93 -9.17 -4.50
CA GLY A 15 -3.63 -10.37 -4.08
C GLY A 15 -4.19 -10.23 -2.65
N LEU A 16 -3.85 -9.06 -2.00
CA LEU A 16 -4.46 -8.74 -0.70
C LEU A 16 -5.97 -8.47 -0.97
N PRO A 17 -6.88 -8.96 -0.05
CA PRO A 17 -8.33 -8.84 -0.32
C PRO A 17 -8.94 -7.50 0.18
N GLY A 18 -8.16 -6.82 1.09
CA GLY A 18 -8.49 -5.47 1.50
C GLY A 18 -7.74 -4.46 0.62
N PRO A 19 -8.05 -3.13 0.79
CA PRO A 19 -7.41 -2.11 -0.02
C PRO A 19 -5.95 -1.87 0.42
N VAL A 20 -5.17 -1.28 -0.54
CA VAL A 20 -3.77 -0.92 -0.31
C VAL A 20 -3.71 0.59 -0.04
N LEU A 21 -2.64 1.00 0.71
CA LEU A 21 -2.33 2.40 0.99
C LEU A 21 -0.79 2.49 0.91
N PHE A 22 -0.26 3.71 0.56
CA PHE A 22 1.11 3.86 0.05
C PHE A 22 1.91 4.80 0.96
N TYR A 23 3.26 4.97 0.72
CA TYR A 23 4.00 6.04 1.39
C TYR A 23 5.27 6.46 0.63
N SER A 24 5.76 7.69 0.98
CA SER A 24 6.93 8.28 0.31
C SER A 24 8.18 7.86 0.96
N GLY A 1 1.84 4.67 4.43
CA GLY A 1 0.69 4.90 3.59
C GLY A 1 0.32 6.37 3.39
N HIS A 2 0.68 6.88 2.16
CA HIS A 2 -0.12 7.92 1.51
C HIS A 2 -1.17 7.14 0.67
N SER A 3 -2.07 7.89 -0.06
CA SER A 3 -3.19 7.17 -0.69
C SER A 3 -2.69 6.28 -1.84
N VAL A 4 -1.88 6.94 -2.75
CA VAL A 4 -1.12 6.25 -3.79
C VAL A 4 0.18 7.07 -3.87
N ASP A 5 1.35 6.37 -4.06
CA ASP A 5 2.63 7.08 -4.13
C ASP A 5 3.71 6.17 -4.78
N ARG A 6 4.35 5.22 -4.02
CA ARG A 6 5.33 4.30 -4.62
C ARG A 6 5.28 2.87 -4.04
N ILE A 7 5.28 2.77 -2.66
CA ILE A 7 5.66 1.50 -1.99
C ILE A 7 4.90 1.45 -0.64
N PRO A 8 4.48 0.24 -0.15
CA PRO A 8 3.72 0.17 1.11
C PRO A 8 4.63 0.30 2.36
N GLU A 9 3.96 0.66 3.52
CA GLU A 9 4.70 1.02 4.73
C GLU A 9 5.23 -0.25 5.44
N TYR A 10 4.41 -1.34 5.29
CA TYR A 10 4.74 -2.65 5.86
C TYR A 10 3.74 -3.73 5.36
N PHE A 11 2.61 -3.21 4.75
CA PHE A 11 1.41 -4.06 4.58
C PHE A 11 1.65 -5.30 3.69
N GLY A 12 2.59 -5.13 2.70
CA GLY A 12 2.76 -6.09 1.63
C GLY A 12 2.04 -5.62 0.35
N PRO A 13 2.08 -6.51 -0.71
CA PRO A 13 1.46 -6.17 -1.99
C PRO A 13 -0.08 -6.40 -1.95
N PRO A 14 -0.82 -5.92 -3.02
CA PRO A 14 -2.27 -6.11 -3.09
C PRO A 14 -2.64 -7.53 -3.57
N GLY A 15 -2.17 -8.54 -2.74
CA GLY A 15 -2.58 -9.93 -2.86
C GLY A 15 -3.57 -10.34 -1.75
N LEU A 16 -3.91 -9.33 -0.88
CA LEU A 16 -5.01 -9.47 0.06
C LEU A 16 -6.32 -9.07 -0.65
N PRO A 17 -7.51 -9.52 -0.13
CA PRO A 17 -8.79 -9.26 -0.82
C PRO A 17 -9.33 -7.85 -0.48
N GLY A 18 -8.55 -6.81 -0.94
CA GLY A 18 -8.88 -5.43 -0.66
C GLY A 18 -7.83 -4.47 -1.21
N PRO A 19 -8.03 -3.13 -0.96
CA PRO A 19 -7.04 -2.13 -1.34
C PRO A 19 -5.87 -2.12 -0.34
N VAL A 20 -4.80 -1.36 -0.74
CA VAL A 20 -3.62 -1.15 0.10
C VAL A 20 -3.16 0.30 -0.17
N LEU A 21 -2.49 0.90 0.87
CA LEU A 21 -1.95 2.25 0.76
C LEU A 21 -0.43 2.16 0.49
N PHE A 22 0.14 3.32 0.01
CA PHE A 22 1.50 3.37 -0.52
C PHE A 22 2.12 4.71 -0.09
N TYR A 23 3.35 4.69 0.52
CA TYR A 23 4.12 5.92 0.76
C TYR A 23 5.23 6.05 -0.32
N SER A 24 6.09 7.10 -0.14
CA SER A 24 7.05 7.50 -1.17
C SER A 24 8.15 6.54 -1.35
N GLY A 1 0.77 5.44 4.25
CA GLY A 1 0.61 6.85 4.60
C GLY A 1 0.14 7.77 3.46
N HIS A 2 0.73 7.55 2.23
CA HIS A 2 0.36 8.29 1.04
C HIS A 2 -0.90 7.64 0.44
N SER A 3 -1.76 8.52 -0.20
CA SER A 3 -3.07 8.03 -0.66
C SER A 3 -2.92 7.11 -1.88
N VAL A 4 -1.94 7.49 -2.77
CA VAL A 4 -1.58 6.70 -3.95
C VAL A 4 -0.05 6.83 -4.03
N ASP A 5 0.64 5.65 -4.20
CA ASP A 5 2.09 5.62 -4.42
C ASP A 5 2.41 4.14 -4.84
N ARG A 6 3.74 3.79 -4.83
CA ARG A 6 4.25 2.62 -5.55
C ARG A 6 4.28 1.30 -4.75
N ILE A 7 4.18 1.43 -3.37
CA ILE A 7 4.38 0.30 -2.46
C ILE A 7 3.51 0.56 -1.20
N PRO A 8 2.86 -0.50 -0.60
CA PRO A 8 1.94 -0.28 0.52
C PRO A 8 2.66 -0.04 1.86
N GLU A 9 2.06 0.86 2.70
CA GLU A 9 2.63 1.20 4.02
C GLU A 9 2.28 0.19 5.13
N TYR A 10 2.36 -1.14 4.76
CA TYR A 10 2.40 -2.17 5.80
C TYR A 10 2.80 -3.53 5.18
N PHE A 11 2.19 -3.82 3.97
CA PHE A 11 2.03 -5.24 3.58
C PHE A 11 3.30 -5.85 2.97
N GLY A 12 4.24 -4.96 2.50
CA GLY A 12 5.42 -5.38 1.79
C GLY A 12 5.23 -5.11 0.29
N PRO A 13 5.08 -6.19 -0.56
CA PRO A 13 4.83 -5.99 -1.99
C PRO A 13 3.37 -5.51 -2.23
N PRO A 14 3.05 -5.02 -3.48
CA PRO A 14 1.73 -4.43 -3.77
C PRO A 14 0.59 -5.43 -4.00
N GLY A 15 0.50 -6.43 -3.05
CA GLY A 15 -0.76 -7.12 -2.81
C GLY A 15 -1.53 -6.37 -1.70
N LEU A 16 -2.83 -6.76 -1.56
CA LEU A 16 -3.69 -6.20 -0.53
C LEU A 16 -4.84 -7.19 -0.21
N PRO A 17 -5.45 -7.08 1.02
CA PRO A 17 -6.59 -7.95 1.39
C PRO A 17 -7.95 -7.35 0.98
N GLY A 18 -7.91 -6.01 0.69
CA GLY A 18 -9.09 -5.26 0.29
C GLY A 18 -8.72 -3.78 0.33
N PRO A 19 -8.75 -3.16 1.56
CA PRO A 19 -8.25 -1.80 1.72
C PRO A 19 -6.71 -1.77 1.71
N VAL A 20 -6.17 -0.54 1.44
CA VAL A 20 -4.74 -0.34 1.21
C VAL A 20 -4.43 1.16 1.39
N LEU A 21 -3.14 1.44 1.74
CA LEU A 21 -2.59 2.79 1.80
C LEU A 21 -1.09 2.62 1.51
N PHE A 22 -0.44 3.69 0.96
CA PHE A 22 0.84 3.53 0.23
C PHE A 22 1.95 4.38 0.86
N TYR A 23 3.21 4.21 0.36
CA TYR A 23 4.31 5.14 0.64
C TYR A 23 5.32 5.07 -0.53
N SER A 24 6.38 5.96 -0.45
CA SER A 24 7.28 6.13 -1.57
C SER A 24 8.28 5.05 -1.66
N GLY A 1 0.50 5.92 4.98
CA GLY A 1 1.48 6.55 4.11
C GLY A 1 0.95 7.90 3.60
N HIS A 2 1.37 8.22 2.34
CA HIS A 2 0.94 9.43 1.64
C HIS A 2 -0.39 9.14 0.90
N SER A 3 -1.02 10.27 0.39
CA SER A 3 -2.40 10.15 -0.11
C SER A 3 -2.51 9.29 -1.38
N VAL A 4 -1.41 9.38 -2.22
CA VAL A 4 -1.23 8.49 -3.36
C VAL A 4 0.29 8.33 -3.55
N ASP A 5 0.71 7.03 -3.73
CA ASP A 5 2.14 6.65 -3.75
C ASP A 5 2.15 5.14 -4.13
N ARG A 6 3.31 4.41 -3.96
CA ARG A 6 3.44 3.05 -4.47
C ARG A 6 3.67 1.82 -3.57
N ILE A 7 4.59 1.89 -2.56
CA ILE A 7 4.78 0.73 -1.65
C ILE A 7 3.75 0.88 -0.50
N PRO A 8 3.04 -0.23 -0.07
CA PRO A 8 1.96 -0.08 0.90
C PRO A 8 2.47 0.09 2.34
N GLU A 9 1.60 0.70 3.23
CA GLU A 9 2.03 1.14 4.58
C GLU A 9 2.22 -0.01 5.62
N TYR A 10 2.54 -1.26 5.13
CA TYR A 10 3.05 -2.31 6.03
C TYR A 10 3.38 -3.55 5.16
N PHE A 11 2.47 -3.75 4.13
CA PHE A 11 2.17 -5.13 3.71
C PHE A 11 3.23 -5.77 2.80
N GLY A 12 4.10 -4.90 2.21
CA GLY A 12 5.20 -5.37 1.39
C GLY A 12 4.77 -5.53 -0.08
N PRO A 13 4.80 -6.79 -0.64
CA PRO A 13 4.47 -7.00 -2.04
C PRO A 13 2.94 -6.91 -2.30
N PRO A 14 2.54 -6.77 -3.62
CA PRO A 14 1.13 -6.54 -3.97
C PRO A 14 0.27 -7.83 -4.00
N GLY A 15 0.41 -8.64 -2.89
CA GLY A 15 -0.47 -9.78 -2.65
C GLY A 15 -1.66 -9.43 -1.73
N LEU A 16 -2.03 -8.11 -1.75
CA LEU A 16 -3.17 -7.60 -0.99
C LEU A 16 -4.38 -7.47 -1.94
N PRO A 17 -5.61 -7.90 -1.48
CA PRO A 17 -6.77 -7.92 -2.39
C PRO A 17 -7.64 -6.64 -2.34
N GLY A 18 -7.58 -5.96 -1.15
CA GLY A 18 -8.38 -4.76 -0.91
C GLY A 18 -7.51 -3.51 -1.04
N PRO A 19 -8.15 -2.29 -1.00
CA PRO A 19 -7.40 -1.05 -1.04
C PRO A 19 -6.71 -0.76 0.30
N VAL A 20 -5.56 -0.03 0.18
CA VAL A 20 -4.72 0.33 1.32
C VAL A 20 -4.13 1.73 1.00
N LEU A 21 -3.42 2.32 2.02
CA LEU A 21 -2.68 3.57 1.82
C LEU A 21 -1.19 3.19 1.57
N PHE A 22 -0.48 4.11 0.84
CA PHE A 22 0.84 3.79 0.26
C PHE A 22 1.84 4.91 0.62
N TYR A 23 3.16 4.54 0.64
CA TYR A 23 4.27 5.51 0.71
C TYR A 23 5.29 5.17 -0.40
N SER A 24 6.33 6.06 -0.51
CA SER A 24 7.36 5.89 -1.54
C SER A 24 8.46 5.02 -1.04
N GLY A 1 0.34 4.76 4.03
CA GLY A 1 -0.63 5.73 4.56
C GLY A 1 -1.13 6.81 3.59
N HIS A 2 -0.41 6.96 2.43
CA HIS A 2 -0.83 7.88 1.37
C HIS A 2 -1.69 7.05 0.38
N SER A 3 -2.72 7.75 -0.23
CA SER A 3 -3.69 7.00 -1.05
C SER A 3 -3.05 6.51 -2.36
N VAL A 4 -2.09 7.35 -2.88
CA VAL A 4 -1.21 6.93 -3.97
C VAL A 4 0.20 7.41 -3.57
N ASP A 5 1.24 6.61 -4.01
CA ASP A 5 2.66 6.92 -3.78
C ASP A 5 3.43 5.83 -4.58
N ARG A 6 4.42 5.10 -3.96
CA ARG A 6 5.08 3.98 -4.64
C ARG A 6 5.42 2.74 -3.80
N ILE A 7 5.89 2.94 -2.53
CA ILE A 7 6.26 1.80 -1.66
C ILE A 7 4.99 1.46 -0.84
N PRO A 8 4.66 0.15 -0.61
CA PRO A 8 3.47 -0.19 0.17
C PRO A 8 3.72 -0.01 1.68
N GLU A 9 2.59 0.19 2.45
CA GLU A 9 2.67 0.36 3.90
C GLU A 9 2.77 -1.01 4.64
N TYR A 10 3.72 -1.87 4.13
CA TYR A 10 4.26 -3.00 4.90
C TYR A 10 3.26 -4.16 5.16
N PHE A 11 2.35 -4.34 4.14
CA PHE A 11 1.30 -5.37 4.29
C PHE A 11 1.87 -6.79 4.06
N GLY A 12 3.03 -6.83 3.33
CA GLY A 12 3.49 -8.04 2.70
C GLY A 12 3.19 -7.93 1.19
N PRO A 13 2.66 -9.03 0.57
CA PRO A 13 2.38 -9.01 -0.87
C PRO A 13 1.08 -8.24 -1.21
N PRO A 14 0.87 -7.94 -2.54
CA PRO A 14 -0.40 -7.41 -3.00
C PRO A 14 -1.43 -8.56 -3.13
N GLY A 15 -2.73 -8.13 -3.36
CA GLY A 15 -3.81 -9.10 -3.45
C GLY A 15 -4.49 -9.38 -2.09
N LEU A 16 -4.50 -8.31 -1.21
CA LEU A 16 -5.39 -8.33 -0.06
C LEU A 16 -6.79 -7.86 -0.55
N PRO A 17 -7.90 -8.27 0.17
CA PRO A 17 -9.26 -8.01 -0.35
C PRO A 17 -9.88 -6.67 0.11
N GLY A 18 -9.12 -5.95 1.01
CA GLY A 18 -9.50 -4.61 1.43
C GLY A 18 -8.86 -3.55 0.54
N PRO A 19 -9.00 -2.24 0.96
CA PRO A 19 -8.29 -1.17 0.27
C PRO A 19 -6.78 -1.23 0.61
N VAL A 20 -5.98 -0.48 -0.22
CA VAL A 20 -4.53 -0.45 -0.10
C VAL A 20 -4.11 1.03 -0.03
N LEU A 21 -2.98 1.28 0.72
CA LEU A 21 -2.37 2.60 0.84
C LEU A 21 -0.85 2.39 0.73
N PHE A 22 -0.17 3.41 0.11
CA PHE A 22 1.26 3.38 -0.16
C PHE A 22 1.95 4.50 0.64
N TYR A 23 3.30 4.60 0.53
CA TYR A 23 4.06 5.77 0.98
C TYR A 23 5.34 5.87 0.10
N SER A 24 6.07 7.02 0.27
CA SER A 24 7.27 7.21 -0.55
C SER A 24 8.39 6.38 -0.07
N GLY A 1 0.83 4.30 5.21
CA GLY A 1 1.45 5.24 4.29
C GLY A 1 0.47 6.31 3.77
N HIS A 2 0.82 6.80 2.53
CA HIS A 2 0.03 7.75 1.77
C HIS A 2 -1.07 6.98 0.98
N SER A 3 -2.08 7.78 0.48
CA SER A 3 -3.24 7.14 -0.17
C SER A 3 -2.85 6.51 -1.52
N VAL A 4 -1.94 7.25 -2.25
CA VAL A 4 -1.30 6.73 -3.45
C VAL A 4 0.19 7.14 -3.36
N ASP A 5 1.07 6.27 -3.96
CA ASP A 5 2.52 6.50 -4.05
C ASP A 5 3.00 5.30 -4.93
N ARG A 6 4.01 4.47 -4.48
CA ARG A 6 4.36 3.25 -5.23
C ARG A 6 4.92 2.05 -4.44
N ILE A 7 5.67 2.31 -3.32
CA ILE A 7 6.12 1.19 -2.46
C ILE A 7 4.95 0.95 -1.46
N PRO A 8 4.57 -0.32 -1.13
CA PRO A 8 3.43 -0.54 -0.22
C PRO A 8 3.83 -0.28 1.25
N GLU A 9 2.88 0.37 2.02
CA GLU A 9 3.04 0.49 3.47
C GLU A 9 2.34 -0.72 4.16
N TYR A 10 2.04 -0.58 5.50
CA TYR A 10 1.89 -1.74 6.40
C TYR A 10 0.54 -2.50 6.31
N PHE A 11 -0.10 -2.41 5.09
CA PHE A 11 -1.25 -3.24 4.74
C PHE A 11 -0.80 -4.56 4.07
N GLY A 12 0.48 -4.56 3.55
CA GLY A 12 0.93 -5.61 2.65
C GLY A 12 0.90 -5.11 1.20
N PRO A 13 1.31 -6.01 0.24
CA PRO A 13 1.39 -5.62 -1.17
C PRO A 13 0.01 -5.69 -1.87
N PRO A 14 -0.10 -5.06 -3.09
CA PRO A 14 -1.30 -5.19 -3.91
C PRO A 14 -1.31 -6.63 -4.48
N GLY A 15 -2.20 -7.47 -3.84
CA GLY A 15 -2.12 -8.92 -3.97
C GLY A 15 -2.53 -9.60 -2.66
N LEU A 16 -2.26 -8.87 -1.52
CA LEU A 16 -3.10 -9.01 -0.33
C LEU A 16 -4.42 -8.30 -0.75
N PRO A 17 -5.60 -9.01 -0.72
CA PRO A 17 -6.83 -8.41 -1.23
C PRO A 17 -7.51 -7.51 -0.18
N GLY A 18 -8.30 -6.52 -0.74
CA GLY A 18 -8.84 -5.46 0.10
C GLY A 18 -8.13 -4.16 -0.25
N PRO A 19 -8.19 -3.14 0.67
CA PRO A 19 -7.49 -1.88 0.44
C PRO A 19 -5.99 -2.02 0.74
N VAL A 20 -5.21 -1.04 0.17
CA VAL A 20 -3.76 -1.00 0.33
C VAL A 20 -3.34 0.47 0.15
N LEU A 21 -2.49 0.94 1.13
CA LEU A 21 -1.90 2.27 1.09
C LEU A 21 -0.40 2.08 0.76
N PHE A 22 0.23 3.21 0.28
CA PHE A 22 1.55 3.18 -0.33
C PHE A 22 2.43 4.29 0.27
N TYR A 23 3.77 4.23 0.00
CA TYR A 23 4.69 5.30 0.35
C TYR A 23 5.83 5.38 -0.69
N SER A 24 6.62 6.51 -0.56
CA SER A 24 7.73 6.73 -1.48
C SER A 24 8.88 5.87 -1.17
#